data_5TBV
#
_entry.id   5TBV
#
_cell.length_a   91.981
_cell.length_b   91.981
_cell.length_c   91.981
_cell.angle_alpha   90.00
_cell.angle_beta   90.00
_cell.angle_gamma   90.00
#
_symmetry.space_group_name_H-M   'P 21 3'
#
loop_
_entity.id
_entity.type
_entity.pdbx_description
1 polymer 'Purine nucleoside phosphorylase'
2 non-polymer "'2-(4-AMINO-PYRROLO[2,3-D]PYRIMIDIN-7-YL)-5-HYDROXYMETHYL-TETRAHYDRO-FURAN-3,4-DIOL"
3 non-polymer 'SULFATE ION'
4 non-polymer 'DIMETHYL SULFOXIDE'
5 water water
#
_entity_poly.entity_id   1
_entity_poly.type   'polypeptide(L)'
_entity_poly.pdbx_seq_one_letter_code
;MTTPVVANYENASMAADYIKRVSNVLPDIGIICGSGLGKLIEEIEERKVIPYINIPNFPKTTVAGHVGNLVLGSVGGRKI
VAMQGRLHMYEGYSNQEIALPIRVMKLLGVRVLLITNLAGGINRKLKSGDFVLIKGHINFPGLGLNNVLVGPNQDEFGPR
FPDLSNAYDRLLQQLALKIAQENDFQDLVHEGVYAFNGGPTYESPDESNMLLKLGCDVVGMSTVPEVIIACHCGIKVLAV
SLIANNSILDAENDVSINHEKVLAVAEKRADLLQMWFKEIITRLPLD
;
_entity_poly.pdbx_strand_id   A
#
# COMPACT_ATOMS: atom_id res chain seq x y z
N VAL A 5 0.06 -10.81 19.85
CA VAL A 5 -0.35 -9.43 20.19
C VAL A 5 -1.62 -9.03 19.45
N VAL A 6 -2.50 -8.29 20.12
CA VAL A 6 -3.78 -7.85 19.58
C VAL A 6 -3.65 -6.40 19.11
N ALA A 7 -4.21 -6.07 17.95
CA ALA A 7 -4.15 -4.68 17.46
C ALA A 7 -5.24 -3.81 18.09
N ASN A 8 -5.14 -3.63 19.43
CA ASN A 8 -6.11 -2.85 20.19
C ASN A 8 -5.56 -1.46 20.50
N TYR A 9 -6.41 -0.66 21.14
CA TYR A 9 -6.09 0.75 21.39
C TYR A 9 -4.84 0.88 22.26
N GLU A 10 -4.73 0.02 23.27
CA GLU A 10 -3.62 0.10 24.22
C GLU A 10 -2.27 -0.17 23.55
N ASN A 11 -2.18 -1.27 22.79
CA ASN A 11 -0.92 -1.62 22.12
C ASN A 11 -0.58 -0.65 20.99
N ALA A 12 -1.60 -0.18 20.23
CA ALA A 12 -1.35 0.85 19.23
C ALA A 12 -0.81 2.13 19.87
N SER A 13 -1.35 2.52 21.03
CA SER A 13 -0.91 3.74 21.73
C SER A 13 0.53 3.60 22.23
N MET A 14 0.88 2.44 22.74
CA MET A 14 2.25 2.24 23.21
C MET A 14 3.24 2.49 22.08
N ALA A 15 3.01 1.86 20.92
CA ALA A 15 3.84 2.07 19.74
C ALA A 15 3.83 3.54 19.29
N ALA A 16 2.65 4.16 19.19
CA ALA A 16 2.60 5.56 18.74
C ALA A 16 3.39 6.48 19.67
N ASP A 17 3.29 6.25 20.98
CA ASP A 17 3.97 7.13 21.92
C ASP A 17 5.48 6.99 21.83
N TYR A 18 5.97 5.76 21.59
CA TYR A 18 7.40 5.56 21.34
C TYR A 18 7.85 6.38 20.14
N ILE A 19 7.14 6.23 19.02
CA ILE A 19 7.47 6.96 17.80
C ILE A 19 7.45 8.46 18.06
N LYS A 20 6.38 8.95 18.71
CA LYS A 20 6.27 10.39 18.99
C LYS A 20 7.46 10.89 19.78
N ARG A 21 7.85 10.11 20.79
CA ARG A 21 8.96 10.48 21.66
CA ARG A 21 8.95 10.53 21.65
C ARG A 21 10.27 10.58 20.89
N VAL A 22 10.56 9.54 20.10
CA VAL A 22 11.86 9.44 19.45
C VAL A 22 11.97 10.33 18.21
N SER A 23 10.87 10.56 17.49
CA SER A 23 10.92 11.35 16.27
C SER A 23 10.51 12.82 16.45
N ASN A 24 9.62 13.12 17.39
CA ASN A 24 9.04 14.45 17.60
C ASN A 24 8.18 14.94 16.42
N VAL A 25 7.61 14.03 15.64
CA VAL A 25 6.80 14.39 14.47
C VAL A 25 5.36 13.98 14.73
N LEU A 26 4.42 14.87 14.41
CA LEU A 26 3.00 14.53 14.38
C LEU A 26 2.50 14.53 12.94
N PRO A 27 2.50 13.38 12.27
CA PRO A 27 2.26 13.37 10.81
C PRO A 27 0.76 13.37 10.49
N ASP A 28 0.42 14.08 9.42
CA ASP A 28 -0.90 14.10 8.78
C ASP A 28 -1.06 13.10 7.66
N ILE A 29 0.05 12.67 7.04
CA ILE A 29 0.02 11.82 5.87
C ILE A 29 0.89 10.60 6.11
N GLY A 30 0.37 9.42 5.75
CA GLY A 30 1.13 8.16 5.82
C GLY A 30 1.40 7.64 4.42
N ILE A 31 2.50 6.91 4.27
CA ILE A 31 2.96 6.35 2.99
C ILE A 31 3.40 4.90 3.22
N ILE A 32 3.11 4.01 2.25
CA ILE A 32 3.62 2.63 2.26
C ILE A 32 4.34 2.35 0.93
N CYS A 33 5.61 1.98 1.00
CA CYS A 33 6.44 1.66 -0.17
C CYS A 33 6.39 0.15 -0.45
N GLY A 34 5.97 -0.22 -1.67
CA GLY A 34 5.89 -1.61 -2.10
C GLY A 34 7.26 -2.20 -2.45
N SER A 35 7.24 -3.44 -2.99
CA SER A 35 8.48 -4.18 -3.26
C SER A 35 9.49 -3.34 -4.05
N GLY A 36 10.65 -3.09 -3.45
CA GLY A 36 11.76 -2.51 -4.20
C GLY A 36 11.69 -1.01 -4.39
N LEU A 37 10.67 -0.38 -3.83
CA LEU A 37 10.45 1.06 -3.81
C LEU A 37 10.96 1.62 -2.48
N GLY A 38 11.17 2.92 -2.44
CA GLY A 38 11.82 3.47 -1.28
C GLY A 38 12.91 4.45 -1.67
N LYS A 39 12.72 5.10 -2.82
CA LYS A 39 13.58 6.22 -3.20
C LYS A 39 12.99 7.54 -2.74
N LEU A 40 11.69 7.58 -2.50
CA LEU A 40 11.07 8.74 -1.84
C LEU A 40 11.73 9.04 -0.49
N ILE A 41 12.31 8.02 0.15
CA ILE A 41 12.89 8.16 1.49
C ILE A 41 14.10 9.09 1.49
N GLU A 42 14.79 9.25 0.36
CA GLU A 42 15.91 10.17 0.32
C GLU A 42 15.46 11.62 0.19
N GLU A 43 14.20 11.87 -0.18
CA GLU A 43 13.69 13.23 -0.34
C GLU A 43 13.07 13.78 0.94
N ILE A 44 12.91 12.96 1.97
CA ILE A 44 12.34 13.43 3.24
C ILE A 44 13.29 14.44 3.87
N GLU A 45 12.76 15.61 4.19
CA GLU A 45 13.55 16.64 4.84
C GLU A 45 13.46 16.50 6.36
N GLU A 46 14.57 16.85 7.02
CA GLU A 46 14.71 16.76 8.47
C GLU A 46 14.25 15.39 8.98
N ARG A 47 14.80 14.34 8.38
CA ARG A 47 14.19 13.03 8.58
C ARG A 47 14.69 12.34 9.83
N LYS A 48 13.85 11.46 10.37
CA LYS A 48 14.15 10.60 11.50
C LYS A 48 13.85 9.16 11.08
N VAL A 49 14.83 8.26 11.27
CA VAL A 49 14.69 6.86 10.87
C VAL A 49 14.55 6.02 12.14
N ILE A 50 13.48 5.23 12.21
CA ILE A 50 13.24 4.35 13.36
C ILE A 50 13.09 2.90 12.90
N PRO A 51 14.06 2.03 13.20
CA PRO A 51 13.95 0.62 12.79
C PRO A 51 12.74 -0.04 13.43
N TYR A 52 12.08 -0.93 12.67
CA TYR A 52 10.91 -1.60 13.22
C TYR A 52 11.28 -2.39 14.47
N ILE A 53 12.55 -2.79 14.59
CA ILE A 53 12.92 -3.66 15.70
C ILE A 53 12.86 -2.89 17.02
N ASN A 54 12.99 -1.56 16.98
CA ASN A 54 12.95 -0.73 18.19
C ASN A 54 11.52 -0.38 18.61
N ILE A 55 10.52 -0.53 17.74
CA ILE A 55 9.15 -0.11 18.02
C ILE A 55 8.40 -1.23 18.74
N PRO A 56 7.79 -0.97 19.91
CA PRO A 56 7.06 -2.02 20.64
C PRO A 56 6.03 -2.77 19.81
N ASN A 57 6.25 -4.08 19.64
CA ASN A 57 5.37 -5.05 18.97
C ASN A 57 5.36 -4.95 17.45
N PHE A 58 6.22 -4.15 16.84
CA PHE A 58 6.25 -4.09 15.38
C PHE A 58 6.92 -5.33 14.80
N PRO A 59 6.32 -6.00 13.82
CA PRO A 59 6.94 -7.20 13.23
C PRO A 59 8.11 -6.86 12.29
N LYS A 60 8.93 -7.88 12.03
CA LYS A 60 10.10 -7.75 11.15
C LYS A 60 9.72 -8.09 9.70
N THR A 61 10.25 -7.31 8.74
CA THR A 61 10.07 -7.65 7.33
C THR A 61 10.93 -8.86 6.97
N THR A 62 10.40 -9.79 6.16
CA THR A 62 11.19 -10.94 5.74
C THR A 62 11.30 -11.09 4.22
N VAL A 63 10.77 -10.17 3.42
CA VAL A 63 10.76 -10.26 1.96
C VAL A 63 11.84 -9.33 1.36
N ALA A 64 12.53 -9.81 0.33
CA ALA A 64 13.50 -8.97 -0.37
C ALA A 64 12.83 -7.71 -0.94
N GLY A 65 13.49 -6.57 -0.77
CA GLY A 65 12.95 -5.33 -1.25
C GLY A 65 12.03 -4.62 -0.28
N HIS A 66 12.03 -5.04 0.99
CA HIS A 66 11.25 -4.40 2.05
C HIS A 66 12.19 -4.15 3.21
N VAL A 67 12.67 -2.91 3.34
CA VAL A 67 13.53 -2.48 4.44
C VAL A 67 12.68 -2.16 5.67
N GLY A 68 13.04 -2.73 6.82
CA GLY A 68 12.21 -2.52 7.99
C GLY A 68 12.49 -1.27 8.80
N ASN A 69 12.21 -0.07 8.22
CA ASN A 69 12.36 1.23 8.90
C ASN A 69 11.09 2.06 8.74
N LEU A 70 10.74 2.81 9.79
CA LEU A 70 9.78 3.92 9.71
C LEU A 70 10.55 5.23 9.58
N VAL A 71 10.17 6.07 8.61
CA VAL A 71 10.85 7.33 8.35
C VAL A 71 9.85 8.47 8.50
N LEU A 72 10.18 9.46 9.32
CA LEU A 72 9.35 10.64 9.52
C LEU A 72 10.12 11.91 9.17
N GLY A 73 9.40 12.97 8.82
CA GLY A 73 10.04 14.18 8.35
C GLY A 73 9.05 15.05 7.59
N SER A 74 9.59 15.96 6.77
CA SER A 74 8.81 16.92 6.00
C SER A 74 8.94 16.67 4.50
N VAL A 75 7.81 16.75 3.80
CA VAL A 75 7.77 16.67 2.35
C VAL A 75 6.73 17.65 1.85
N GLY A 76 7.14 18.55 0.96
CA GLY A 76 6.23 19.53 0.42
C GLY A 76 5.56 20.39 1.47
N GLY A 77 6.28 20.71 2.55
CA GLY A 77 5.72 21.45 3.66
C GLY A 77 4.87 20.64 4.63
N ARG A 78 4.48 19.41 4.31
CA ARG A 78 3.65 18.62 5.19
C ARG A 78 4.49 17.58 5.91
N LYS A 79 3.99 17.14 7.07
CA LYS A 79 4.66 16.13 7.88
C LYS A 79 4.11 14.74 7.54
N ILE A 80 5.03 13.78 7.37
CA ILE A 80 4.65 12.46 6.89
C ILE A 80 5.31 11.38 7.75
N VAL A 81 4.74 10.17 7.67
CA VAL A 81 5.36 8.95 8.17
C VAL A 81 5.32 7.90 7.05
N ALA A 82 6.48 7.32 6.73
CA ALA A 82 6.60 6.39 5.61
C ALA A 82 7.07 5.02 6.09
N MET A 83 6.38 3.95 5.68
CA MET A 83 6.86 2.57 5.85
C MET A 83 7.77 2.21 4.68
N GLN A 84 9.06 1.99 4.97
CA GLN A 84 10.03 1.65 3.94
C GLN A 84 9.95 0.18 3.48
N GLY A 85 9.07 -0.59 4.09
CA GLY A 85 8.76 -1.94 3.66
C GLY A 85 7.46 -2.32 4.33
N ARG A 86 6.75 -3.27 3.72
CA ARG A 86 5.46 -3.65 4.29
C ARG A 86 5.49 -5.13 4.64
N LEU A 87 4.52 -5.52 5.48
CA LEU A 87 4.24 -6.89 5.90
C LEU A 87 3.17 -7.51 5.02
N HIS A 88 3.30 -8.83 4.76
CA HIS A 88 2.35 -9.55 3.92
C HIS A 88 1.79 -10.77 4.64
N MET A 89 0.56 -11.13 4.31
CA MET A 89 -0.07 -12.30 4.96
C MET A 89 0.59 -13.63 4.53
N TYR A 90 1.12 -13.75 3.30
CA TYR A 90 1.83 -14.99 2.94
C TYR A 90 3.07 -15.23 3.80
N GLU A 91 3.55 -14.23 4.55
CA GLU A 91 4.72 -14.45 5.40
C GLU A 91 4.41 -15.29 6.64
N GLY A 92 3.13 -15.45 7.01
CA GLY A 92 2.77 -16.17 8.21
C GLY A 92 2.28 -15.30 9.37
N TYR A 93 2.33 -13.98 9.24
CA TYR A 93 1.83 -13.07 10.27
C TYR A 93 0.31 -13.14 10.37
N SER A 94 -0.22 -12.80 11.56
CA SER A 94 -1.67 -12.85 11.84
C SER A 94 -2.33 -11.56 11.36
N ASN A 95 -3.67 -11.56 11.34
CA ASN A 95 -4.32 -10.33 10.93
C ASN A 95 -4.09 -9.22 11.94
N GLN A 96 -3.83 -9.55 13.21
CA GLN A 96 -3.49 -8.51 14.19
C GLN A 96 -2.11 -7.89 13.92
N GLU A 97 -1.17 -8.68 13.44
CA GLU A 97 0.15 -8.13 13.14
C GLU A 97 0.12 -7.23 11.90
N ILE A 98 -0.63 -7.62 10.87
CA ILE A 98 -0.74 -6.78 9.67
C ILE A 98 -1.50 -5.49 9.97
N ALA A 99 -2.49 -5.54 10.86
CA ALA A 99 -3.30 -4.37 11.13
C ALA A 99 -2.61 -3.35 12.04
N LEU A 100 -1.71 -3.80 12.93
CA LEU A 100 -1.12 -2.91 13.92
C LEU A 100 -0.50 -1.66 13.32
N PRO A 101 0.39 -1.72 12.32
CA PRO A 101 1.01 -0.48 11.82
C PRO A 101 0.02 0.55 11.32
N ILE A 102 -1.11 0.14 10.76
CA ILE A 102 -2.09 1.13 10.31
C ILE A 102 -2.77 1.80 11.51
N ARG A 103 -3.03 1.03 12.57
CA ARG A 103 -3.68 1.66 13.72
C ARG A 103 -2.71 2.55 14.50
N VAL A 104 -1.40 2.27 14.43
CA VAL A 104 -0.40 3.20 14.95
C VAL A 104 -0.45 4.52 14.16
N MET A 105 -0.54 4.42 12.84
CA MET A 105 -0.66 5.62 12.02
C MET A 105 -1.88 6.45 12.42
N LYS A 106 -3.02 5.80 12.64
CA LYS A 106 -4.22 6.51 13.10
C LYS A 106 -3.94 7.31 14.36
N LEU A 107 -3.32 6.67 15.36
CA LEU A 107 -3.08 7.38 16.61
C LEU A 107 -1.97 8.41 16.48
N LEU A 108 -1.09 8.29 15.52
CA LEU A 108 -0.13 9.37 15.32
C LEU A 108 -0.77 10.61 14.72
N GLY A 109 -1.98 10.49 14.17
CA GLY A 109 -2.68 11.62 13.57
C GLY A 109 -2.88 11.57 12.05
N VAL A 110 -2.53 10.45 11.41
CA VAL A 110 -2.60 10.30 9.95
C VAL A 110 -4.06 10.35 9.47
N ARG A 111 -4.33 11.19 8.47
CA ARG A 111 -5.67 11.32 7.89
C ARG A 111 -5.76 10.87 6.45
N VAL A 112 -4.64 10.86 5.72
CA VAL A 112 -4.56 10.42 4.33
C VAL A 112 -3.41 9.42 4.22
N LEU A 113 -3.66 8.28 3.58
CA LEU A 113 -2.68 7.20 3.42
C LEU A 113 -2.46 6.93 1.93
N LEU A 114 -1.20 7.01 1.48
CA LEU A 114 -0.81 6.81 0.08
C LEU A 114 -0.03 5.49 -0.03
N ILE A 115 -0.59 4.54 -0.79
CA ILE A 115 -0.09 3.16 -0.84
C ILE A 115 0.46 2.83 -2.23
N THR A 116 1.62 2.16 -2.28
CA THR A 116 2.14 1.61 -3.53
C THR A 116 2.26 0.10 -3.44
N ASN A 117 2.21 -0.56 -4.61
CA ASN A 117 2.56 -1.99 -4.69
C ASN A 117 3.02 -2.34 -6.11
N LEU A 118 3.65 -3.52 -6.21
CA LEU A 118 3.98 -4.17 -7.49
C LEU A 118 2.96 -5.28 -7.76
N ALA A 119 2.51 -5.42 -9.01
CA ALA A 119 1.40 -6.32 -9.29
C ALA A 119 1.51 -6.89 -10.69
N GLY A 120 0.75 -7.94 -10.95
CA GLY A 120 0.62 -8.46 -12.31
C GLY A 120 -0.54 -7.80 -13.04
N GLY A 121 -0.32 -7.49 -14.32
CA GLY A 121 -1.40 -6.95 -15.13
C GLY A 121 -2.27 -8.09 -15.65
N ILE A 122 -3.59 -7.89 -15.57
CA ILE A 122 -4.57 -8.84 -16.13
C ILE A 122 -5.19 -8.30 -17.40
N ASN A 123 -5.73 -7.08 -17.31
CA ASN A 123 -6.16 -6.35 -18.50
C ASN A 123 -5.09 -6.40 -19.58
N ARG A 124 -5.48 -6.79 -20.81
CA ARG A 124 -4.50 -7.02 -21.88
C ARG A 124 -3.75 -5.75 -22.26
N LYS A 125 -4.28 -4.58 -21.92
CA LYS A 125 -3.64 -3.34 -22.34
C LYS A 125 -2.37 -3.05 -21.54
N LEU A 126 -2.26 -3.59 -20.32
CA LEU A 126 -1.22 -3.19 -19.37
C LEU A 126 0.12 -3.85 -19.67
N LYS A 127 1.20 -3.07 -19.63
CA LYS A 127 2.54 -3.60 -19.82
C LYS A 127 3.43 -3.20 -18.64
N SER A 128 4.58 -3.90 -18.53
CA SER A 128 5.56 -3.59 -17.51
C SER A 128 5.88 -2.11 -17.50
N GLY A 129 5.91 -1.53 -16.30
CA GLY A 129 6.20 -0.12 -16.14
C GLY A 129 4.98 0.77 -16.01
N ASP A 130 3.78 0.29 -16.37
CA ASP A 130 2.57 1.09 -16.27
C ASP A 130 2.11 1.24 -14.82
N PHE A 131 1.32 2.30 -14.57
CA PHE A 131 0.71 2.58 -13.27
C PHE A 131 -0.80 2.37 -13.32
N VAL A 132 -1.39 1.79 -12.27
CA VAL A 132 -2.85 1.67 -12.21
C VAL A 132 -3.34 2.33 -10.92
N LEU A 133 -4.15 3.40 -11.05
CA LEU A 133 -4.90 3.95 -9.92
C LEU A 133 -6.00 2.99 -9.52
N ILE A 134 -5.95 2.45 -8.29
CA ILE A 134 -6.91 1.42 -7.89
C ILE A 134 -8.24 2.09 -7.54
N LYS A 135 -9.32 1.60 -8.16
CA LYS A 135 -10.64 2.16 -7.93
C LYS A 135 -11.57 1.22 -7.17
N GLY A 136 -11.15 -0.02 -6.93
CA GLY A 136 -11.96 -0.99 -6.23
C GLY A 136 -11.16 -2.27 -6.12
N HIS A 137 -11.73 -3.25 -5.40
CA HIS A 137 -10.98 -4.49 -5.21
C HIS A 137 -11.92 -5.70 -5.14
N ILE A 138 -11.33 -6.87 -5.35
CA ILE A 138 -12.00 -8.14 -5.12
C ILE A 138 -11.15 -8.91 -4.10
N ASN A 139 -11.68 -9.07 -2.88
CA ASN A 139 -10.97 -9.60 -1.71
C ASN A 139 -11.23 -11.10 -1.63
N PHE A 140 -10.44 -11.91 -2.35
CA PHE A 140 -10.71 -13.35 -2.34
C PHE A 140 -10.54 -13.96 -0.95
N PRO A 141 -9.51 -13.63 -0.15
CA PRO A 141 -9.50 -14.12 1.26
C PRO A 141 -10.72 -13.70 2.06
N GLY A 142 -11.21 -12.47 1.87
CA GLY A 142 -12.34 -11.99 2.65
C GLY A 142 -13.62 -12.76 2.36
N LEU A 143 -13.89 -13.03 1.07
CA LEU A 143 -15.04 -13.86 0.71
C LEU A 143 -14.98 -15.24 1.37
N GLY A 144 -13.77 -15.77 1.54
CA GLY A 144 -13.55 -17.12 2.01
C GLY A 144 -13.17 -17.29 3.48
N LEU A 145 -13.55 -16.31 4.32
CA LEU A 145 -13.43 -16.30 5.79
C LEU A 145 -12.03 -15.96 6.32
N ASN A 146 -11.16 -15.33 5.54
CA ASN A 146 -9.86 -14.85 6.01
C ASN A 146 -9.75 -13.31 5.94
N ASN A 147 -10.88 -12.62 6.07
CA ASN A 147 -10.87 -11.15 6.17
C ASN A 147 -10.02 -10.68 7.35
N VAL A 148 -9.30 -9.57 7.16
CA VAL A 148 -8.41 -9.02 8.18
C VAL A 148 -9.17 -8.64 9.43
N LEU A 149 -10.49 -8.40 9.33
CA LEU A 149 -11.29 -7.98 10.47
C LEU A 149 -12.03 -9.13 11.17
N VAL A 150 -11.89 -10.39 10.73
CA VAL A 150 -12.52 -11.49 11.48
C VAL A 150 -11.98 -11.52 12.90
N GLY A 151 -12.90 -11.61 13.88
CA GLY A 151 -12.52 -11.59 15.28
C GLY A 151 -13.33 -10.54 16.03
N PRO A 152 -13.11 -10.43 17.34
CA PRO A 152 -13.73 -9.33 18.11
C PRO A 152 -13.44 -8.00 17.42
N ASN A 153 -14.44 -7.10 17.41
CA ASN A 153 -14.20 -5.77 16.86
C ASN A 153 -13.50 -4.87 17.88
N GLN A 154 -12.50 -4.11 17.45
CA GLN A 154 -11.85 -3.13 18.34
C GLN A 154 -12.63 -1.82 18.21
N ASP A 155 -13.55 -1.59 19.15
CA ASP A 155 -14.56 -0.54 19.00
C ASP A 155 -13.95 0.86 18.97
N GLU A 156 -12.78 1.04 19.58
CA GLU A 156 -12.18 2.39 19.60
C GLU A 156 -11.76 2.86 18.22
N PHE A 157 -11.63 1.97 17.24
CA PHE A 157 -11.18 2.30 15.90
C PHE A 157 -12.31 2.39 14.88
N GLY A 158 -13.40 1.64 15.02
CA GLY A 158 -14.45 1.70 14.01
C GLY A 158 -15.58 0.72 14.24
N PRO A 159 -16.48 0.59 13.25
CA PRO A 159 -17.69 -0.23 13.42
C PRO A 159 -17.45 -1.72 13.18
N ARG A 160 -18.39 -2.50 13.71
CA ARG A 160 -18.39 -3.96 13.48
C ARG A 160 -18.47 -4.30 11.98
N PHE A 161 -19.31 -3.56 11.23
CA PHE A 161 -19.57 -3.83 9.80
C PHE A 161 -19.21 -2.60 8.96
N PRO A 162 -17.99 -2.48 8.49
CA PRO A 162 -17.65 -1.29 7.67
C PRO A 162 -18.18 -1.40 6.23
N ASP A 163 -18.58 -0.25 5.69
CA ASP A 163 -18.95 -0.09 4.27
C ASP A 163 -17.71 0.37 3.48
N LEU A 164 -17.39 -0.36 2.40
CA LEU A 164 -16.16 -0.13 1.65
C LEU A 164 -16.40 0.61 0.33
N SER A 165 -17.57 1.22 0.15
CA SER A 165 -17.90 1.72 -1.18
C SER A 165 -17.16 3.01 -1.54
N ASN A 166 -16.53 3.67 -0.58
CA ASN A 166 -15.68 4.84 -0.84
C ASN A 166 -14.29 4.64 -0.25
N ALA A 167 -13.84 3.39 -0.21
CA ALA A 167 -12.52 3.07 0.35
C ALA A 167 -11.40 3.72 -0.45
N TYR A 168 -11.56 3.82 -1.78
CA TYR A 168 -10.57 4.47 -2.64
C TYR A 168 -11.14 5.85 -3.03
N ASP A 169 -10.64 6.89 -2.34
CA ASP A 169 -11.23 8.22 -2.45
C ASP A 169 -11.23 8.72 -3.88
N ARG A 170 -12.40 9.16 -4.37
CA ARG A 170 -12.53 9.57 -5.77
C ARG A 170 -11.71 10.83 -6.07
N LEU A 171 -11.73 11.82 -5.17
CA LEU A 171 -11.02 13.05 -5.45
C LEU A 171 -9.51 12.86 -5.45
N LEU A 172 -9.00 11.92 -4.65
CA LEU A 172 -7.56 11.64 -4.69
C LEU A 172 -7.16 11.00 -6.03
N GLN A 173 -7.96 10.07 -6.55
CA GLN A 173 -7.67 9.53 -7.89
C GLN A 173 -7.65 10.63 -8.94
N GLN A 174 -8.64 11.52 -8.91
CA GLN A 174 -8.70 12.63 -9.86
C GLN A 174 -7.48 13.53 -9.75
N LEU A 175 -7.03 13.82 -8.52
CA LEU A 175 -5.85 14.66 -8.32
C LEU A 175 -4.59 14.00 -8.86
N ALA A 176 -4.43 12.71 -8.59
CA ALA A 176 -3.27 11.96 -9.08
C ALA A 176 -3.21 12.00 -10.61
N LEU A 177 -4.34 11.74 -11.27
CA LEU A 177 -4.38 11.81 -12.73
C LEU A 177 -4.14 13.23 -13.25
N LYS A 178 -4.62 14.25 -12.54
CA LYS A 178 -4.40 15.61 -13.03
C LYS A 178 -2.92 15.96 -13.06
N ILE A 179 -2.18 15.56 -12.03
CA ILE A 179 -0.74 15.85 -11.98
C ILE A 179 -0.01 15.08 -13.09
N ALA A 180 -0.45 13.85 -13.39
CA ALA A 180 0.15 13.08 -14.49
C ALA A 180 -0.11 13.74 -15.84
N GLN A 181 -1.33 14.26 -16.05
CA GLN A 181 -1.60 15.04 -17.26
C GLN A 181 -0.74 16.31 -17.30
N GLU A 182 -0.58 16.98 -16.15
CA GLU A 182 0.22 18.22 -16.14
C GLU A 182 1.65 17.96 -16.58
N ASN A 183 2.20 16.79 -16.26
CA ASN A 183 3.59 16.48 -16.55
C ASN A 183 3.75 15.49 -17.69
N ASP A 184 2.71 15.29 -18.48
CA ASP A 184 2.76 14.51 -19.73
C ASP A 184 3.28 13.08 -19.52
N PHE A 185 2.80 12.41 -18.47
CA PHE A 185 2.93 10.95 -18.45
C PHE A 185 1.58 10.29 -18.21
N GLN A 186 0.48 10.96 -18.57
CA GLN A 186 -0.85 10.36 -18.45
C GLN A 186 -1.02 9.13 -19.34
N ASP A 187 -0.20 8.95 -20.37
CA ASP A 187 -0.26 7.72 -21.15
C ASP A 187 0.22 6.50 -20.38
N LEU A 188 0.90 6.69 -19.24
CA LEU A 188 1.29 5.56 -18.40
C LEU A 188 0.24 5.22 -17.35
N VAL A 189 -0.81 6.03 -17.20
CA VAL A 189 -1.71 5.95 -16.04
C VAL A 189 -3.06 5.38 -16.47
N HIS A 190 -3.46 4.29 -15.82
CA HIS A 190 -4.72 3.59 -16.00
C HIS A 190 -5.50 3.59 -14.69
N GLU A 191 -6.76 3.16 -14.76
CA GLU A 191 -7.52 2.90 -13.55
C GLU A 191 -8.02 1.46 -13.58
N GLY A 192 -8.17 0.84 -12.40
CA GLY A 192 -8.51 -0.57 -12.46
C GLY A 192 -8.91 -1.16 -11.14
N VAL A 193 -9.45 -2.39 -11.22
CA VAL A 193 -9.84 -3.20 -10.06
C VAL A 193 -8.69 -4.13 -9.68
N TYR A 194 -8.36 -4.17 -8.38
CA TYR A 194 -7.25 -4.98 -7.85
C TYR A 194 -7.79 -6.27 -7.21
N ALA A 195 -7.32 -7.43 -7.69
CA ALA A 195 -7.62 -8.72 -7.08
C ALA A 195 -6.56 -9.07 -6.04
N PHE A 196 -6.99 -9.39 -4.81
CA PHE A 196 -6.09 -9.87 -3.74
C PHE A 196 -6.04 -11.41 -3.80
N ASN A 197 -4.87 -11.96 -4.19
CA ASN A 197 -4.49 -13.37 -4.12
C ASN A 197 -3.58 -13.55 -2.93
N GLY A 198 -3.94 -14.48 -2.02
CA GLY A 198 -3.13 -14.66 -0.82
C GLY A 198 -1.65 -14.95 -1.09
N GLY A 199 -1.37 -15.72 -2.12
CA GLY A 199 0.01 -16.10 -2.43
C GLY A 199 0.53 -17.23 -1.52
N PRO A 200 1.86 -17.53 -1.57
CA PRO A 200 2.94 -16.82 -2.29
C PRO A 200 3.23 -17.32 -3.71
N THR A 201 2.55 -18.34 -4.23
CA THR A 201 2.72 -18.72 -5.63
C THR A 201 2.18 -17.61 -6.53
N TYR A 202 2.86 -17.32 -7.64
CA TYR A 202 2.27 -16.46 -8.66
C TYR A 202 1.01 -17.13 -9.21
N GLU A 203 0.07 -16.32 -9.73
CA GLU A 203 -1.14 -16.88 -10.35
C GLU A 203 -0.78 -17.86 -11.44
N SER A 204 -1.44 -19.02 -11.43
CA SER A 204 -1.29 -19.96 -12.52
C SER A 204 -1.92 -19.38 -13.77
N PRO A 205 -1.53 -19.85 -14.96
CA PRO A 205 -2.17 -19.35 -16.18
C PRO A 205 -3.68 -19.44 -16.17
N ASP A 206 -4.24 -20.51 -15.59
CA ASP A 206 -5.70 -20.62 -15.61
C ASP A 206 -6.34 -19.74 -14.54
N GLU A 207 -5.64 -19.45 -13.44
CA GLU A 207 -6.13 -18.47 -12.47
C GLU A 207 -6.14 -17.05 -13.06
N SER A 208 -5.11 -16.70 -13.83
CA SER A 208 -5.11 -15.40 -14.51
C SER A 208 -6.27 -15.30 -15.50
N ASN A 209 -6.48 -16.35 -16.30
CA ASN A 209 -7.61 -16.35 -17.22
C ASN A 209 -8.94 -16.17 -16.47
N MET A 210 -9.11 -16.82 -15.31
CA MET A 210 -10.34 -16.64 -14.53
C MET A 210 -10.51 -15.19 -14.05
N LEU A 211 -9.46 -14.62 -13.48
CA LEU A 211 -9.51 -13.22 -13.04
C LEU A 211 -9.94 -12.29 -14.19
N LEU A 212 -9.47 -12.55 -15.41
CA LEU A 212 -9.89 -11.73 -16.55
C LEU A 212 -11.40 -11.86 -16.80
N LYS A 213 -11.92 -13.09 -16.74
CA LYS A 213 -13.36 -13.30 -16.85
C LYS A 213 -14.15 -12.51 -15.80
N LEU A 214 -13.59 -12.38 -14.59
CA LEU A 214 -14.31 -11.83 -13.44
C LEU A 214 -14.23 -10.31 -13.35
N GLY A 215 -13.48 -9.65 -14.22
CA GLY A 215 -13.45 -8.19 -14.23
C GLY A 215 -12.31 -7.55 -13.48
N CYS A 216 -11.24 -8.28 -13.19
CA CYS A 216 -10.11 -7.70 -12.51
C CYS A 216 -9.11 -7.16 -13.51
N ASP A 217 -8.49 -6.03 -13.18
CA ASP A 217 -7.49 -5.44 -14.04
C ASP A 217 -6.06 -5.78 -13.62
N VAL A 218 -5.84 -6.03 -12.33
CA VAL A 218 -4.51 -6.36 -11.78
C VAL A 218 -4.69 -7.31 -10.61
N VAL A 219 -3.60 -7.98 -10.23
CA VAL A 219 -3.61 -8.95 -9.13
C VAL A 219 -2.31 -8.80 -8.32
N GLY A 220 -2.41 -8.87 -7.00
CA GLY A 220 -1.22 -8.90 -6.17
C GLY A 220 -1.52 -9.51 -4.81
N MET A 221 -0.50 -9.52 -3.94
CA MET A 221 -0.56 -10.25 -2.66
C MET A 221 -0.54 -9.33 -1.43
N SER A 222 -0.96 -8.08 -1.58
CA SER A 222 -0.87 -7.12 -0.47
C SER A 222 -2.04 -6.16 -0.56
N THR A 223 -1.94 -5.04 0.17
CA THR A 223 -2.74 -3.82 -0.03
C THR A 223 -4.19 -3.90 0.48
N VAL A 224 -4.97 -4.89 0.03
CA VAL A 224 -6.36 -5.00 0.51
C VAL A 224 -6.48 -5.09 2.03
N PRO A 225 -5.64 -5.85 2.75
CA PRO A 225 -5.76 -5.82 4.24
C PRO A 225 -5.59 -4.41 4.82
N GLU A 226 -4.53 -3.68 4.43
CA GLU A 226 -4.28 -2.34 4.99
C GLU A 226 -5.38 -1.37 4.61
N VAL A 227 -5.90 -1.48 3.38
CA VAL A 227 -6.97 -0.60 2.92
C VAL A 227 -8.22 -0.76 3.79
N ILE A 228 -8.58 -2.00 4.11
CA ILE A 228 -9.76 -2.23 4.95
C ILE A 228 -9.54 -1.72 6.37
N ILE A 229 -8.33 -1.88 6.92
CA ILE A 229 -8.09 -1.38 8.28
C ILE A 229 -8.13 0.15 8.29
N ALA A 230 -7.57 0.78 7.24
CA ALA A 230 -7.63 2.25 7.11
C ALA A 230 -9.08 2.74 7.00
N CYS A 231 -9.87 2.10 6.14
CA CYS A 231 -11.25 2.53 5.93
C CYS A 231 -12.07 2.38 7.20
N HIS A 232 -11.83 1.28 7.94
CA HIS A 232 -12.50 1.01 9.22
C HIS A 232 -12.31 2.16 10.22
N CYS A 233 -11.10 2.71 10.31
CA CYS A 233 -10.84 3.83 11.23
C CYS A 233 -10.83 5.20 10.54
N GLY A 234 -11.44 5.33 9.37
CA GLY A 234 -11.72 6.64 8.78
C GLY A 234 -10.56 7.35 8.11
N ILE A 235 -9.55 6.62 7.65
CA ILE A 235 -8.41 7.21 6.95
C ILE A 235 -8.67 7.11 5.43
N LYS A 236 -8.56 8.24 4.74
CA LYS A 236 -8.70 8.24 3.28
C LYS A 236 -7.48 7.60 2.60
N VAL A 237 -7.73 6.91 1.47
CA VAL A 237 -6.72 6.08 0.82
C VAL A 237 -6.59 6.40 -0.67
N LEU A 238 -5.36 6.52 -1.14
CA LEU A 238 -5.03 6.40 -2.56
C LEU A 238 -4.08 5.22 -2.72
N ALA A 239 -4.35 4.33 -3.70
CA ALA A 239 -3.52 3.14 -3.94
C ALA A 239 -3.13 3.03 -5.41
N VAL A 240 -1.83 2.86 -5.68
CA VAL A 240 -1.29 2.76 -7.04
C VAL A 240 -0.51 1.47 -7.19
N SER A 241 -0.87 0.65 -8.20
CA SER A 241 -0.06 -0.51 -8.62
C SER A 241 0.96 -0.14 -9.71
N LEU A 242 2.21 -0.54 -9.51
CA LEU A 242 3.21 -0.50 -10.58
C LEU A 242 3.22 -1.90 -11.22
N ILE A 243 2.98 -1.98 -12.53
CA ILE A 243 2.82 -3.27 -13.19
C ILE A 243 4.20 -3.89 -13.41
N ALA A 244 4.41 -5.09 -12.88
CA ALA A 244 5.68 -5.80 -13.09
C ALA A 244 5.69 -6.60 -14.38
N ASN A 245 4.55 -7.11 -14.80
CA ASN A 245 4.46 -8.02 -15.93
C ASN A 245 3.00 -8.10 -16.31
N ASN A 246 2.71 -8.51 -17.54
CA ASN A 246 1.34 -8.87 -17.89
C ASN A 246 1.20 -10.39 -17.82
N SER A 247 0.41 -10.87 -16.86
CA SER A 247 0.31 -12.31 -16.65
C SER A 247 -0.38 -13.03 -17.81
N ILE A 248 -1.33 -12.37 -18.48
CA ILE A 248 -2.05 -13.04 -19.57
C ILE A 248 -1.13 -13.23 -20.77
N LEU A 249 -0.44 -12.17 -21.18
CA LEU A 249 0.43 -12.33 -22.33
C LEU A 249 1.63 -13.20 -22.00
N ASP A 250 2.15 -13.10 -20.77
CA ASP A 250 3.25 -13.99 -20.36
C ASP A 250 2.89 -15.46 -20.52
N ALA A 251 1.71 -15.85 -20.05
CA ALA A 251 1.29 -17.25 -20.14
C ALA A 251 1.19 -17.70 -21.60
N GLU A 252 0.75 -16.82 -22.48
CA GLU A 252 0.62 -17.17 -23.91
C GLU A 252 1.99 -17.36 -24.55
N ASN A 253 3.01 -16.67 -24.06
CA ASN A 253 4.34 -16.71 -24.65
C ASN A 253 5.28 -17.65 -23.91
N ASP A 254 4.78 -18.38 -22.90
CA ASP A 254 5.61 -19.20 -22.02
C ASP A 254 6.76 -18.38 -21.42
N VAL A 255 6.42 -17.23 -20.85
CA VAL A 255 7.41 -16.35 -20.22
C VAL A 255 7.18 -16.40 -18.70
N SER A 256 8.27 -16.60 -17.96
CA SER A 256 8.20 -16.82 -16.54
C SER A 256 8.28 -15.49 -15.79
N ILE A 257 7.70 -15.47 -14.59
CA ILE A 257 7.80 -14.31 -13.72
C ILE A 257 8.59 -14.72 -12.50
N ASN A 258 9.36 -13.78 -11.96
CA ASN A 258 10.19 -14.03 -10.78
C ASN A 258 10.44 -12.72 -10.05
N HIS A 259 10.86 -12.84 -8.78
CA HIS A 259 10.96 -11.65 -7.94
C HIS A 259 12.10 -10.73 -8.37
N GLU A 260 13.13 -11.27 -9.03
CA GLU A 260 14.19 -10.43 -9.55
C GLU A 260 13.69 -9.48 -10.63
N LYS A 261 12.84 -9.97 -11.54
CA LYS A 261 12.24 -9.09 -12.54
C LYS A 261 11.39 -8.02 -11.87
N VAL A 262 10.69 -8.40 -10.79
CA VAL A 262 9.83 -7.46 -10.07
C VAL A 262 10.64 -6.29 -9.51
N LEU A 263 11.74 -6.62 -8.82
CA LEU A 263 12.61 -5.60 -8.22
C LEU A 263 13.26 -4.71 -9.27
N ALA A 264 13.49 -5.23 -10.48
CA ALA A 264 14.14 -4.41 -11.50
C ALA A 264 13.16 -3.39 -12.09
N VAL A 265 11.90 -3.77 -12.27
CA VAL A 265 10.88 -2.84 -12.73
C VAL A 265 10.70 -1.70 -11.71
N ALA A 266 10.66 -2.06 -10.43
CA ALA A 266 10.55 -1.05 -9.37
C ALA A 266 11.70 -0.07 -9.40
N GLU A 267 12.92 -0.54 -9.69
CA GLU A 267 14.04 0.37 -9.72
C GLU A 267 13.97 1.32 -10.91
N LYS A 268 13.44 0.84 -12.04
CA LYS A 268 13.39 1.67 -13.24
C LYS A 268 12.31 2.76 -13.16
N ARG A 269 11.28 2.61 -12.32
CA ARG A 269 10.23 3.61 -12.22
C ARG A 269 10.24 4.36 -10.90
N ALA A 270 11.21 4.09 -10.02
CA ALA A 270 11.12 4.66 -8.66
C ALA A 270 11.27 6.18 -8.65
N ASP A 271 12.14 6.76 -9.49
CA ASP A 271 12.29 8.22 -9.50
C ASP A 271 11.00 8.92 -9.90
N LEU A 272 10.34 8.44 -10.95
CA LEU A 272 9.09 9.07 -11.36
C LEU A 272 8.00 8.91 -10.29
N LEU A 273 7.86 7.71 -9.73
CA LEU A 273 6.87 7.50 -8.67
C LEU A 273 7.13 8.42 -7.47
N GLN A 274 8.41 8.64 -7.14
CA GLN A 274 8.77 9.58 -6.08
C GLN A 274 8.34 11.01 -6.42
N MET A 275 8.65 11.49 -7.63
CA MET A 275 8.24 12.84 -8.03
C MET A 275 6.72 13.00 -7.95
N TRP A 276 5.98 12.03 -8.49
CA TRP A 276 4.52 12.08 -8.50
C TRP A 276 3.96 12.21 -7.10
N PHE A 277 4.42 11.36 -6.19
CA PHE A 277 3.88 11.36 -4.83
C PHE A 277 4.23 12.64 -4.08
N LYS A 278 5.43 13.19 -4.32
CA LYS A 278 5.79 14.47 -3.68
C LYS A 278 4.82 15.57 -4.08
N GLU A 279 4.46 15.63 -5.37
CA GLU A 279 3.53 16.66 -5.83
C GLU A 279 2.13 16.42 -5.28
N ILE A 280 1.66 15.18 -5.22
CA ILE A 280 0.35 14.89 -4.63
C ILE A 280 0.30 15.36 -3.18
N ILE A 281 1.32 14.99 -2.40
CA ILE A 281 1.43 15.45 -1.01
C ILE A 281 1.36 16.96 -0.94
N THR A 282 2.06 17.65 -1.83
CA THR A 282 2.08 19.10 -1.81
C THR A 282 0.70 19.70 -2.10
N ARG A 283 -0.10 19.04 -2.94
CA ARG A 283 -1.37 19.60 -3.39
C ARG A 283 -2.58 19.14 -2.57
N LEU A 284 -2.37 18.24 -1.60
CA LEU A 284 -3.46 17.71 -0.79
C LEU A 284 -4.23 18.82 -0.08
N PRO A 285 -5.54 18.64 0.11
CA PRO A 285 -6.32 19.65 0.84
C PRO A 285 -5.90 19.73 2.30
N LEU A 286 -5.84 20.97 2.81
CA LEU A 286 -5.39 21.23 4.18
C LEU A 286 -6.35 20.72 5.25
N ASP A 287 -7.49 20.14 4.88
CA ASP A 287 -8.45 19.54 5.82
C ASP A 287 -8.48 18.02 5.64
#